data_3H75
#
_entry.id   3H75
#
_cell.length_a   65.526
_cell.length_b   81.275
_cell.length_c   63.082
_cell.angle_alpha   90.00
_cell.angle_beta   90.00
_cell.angle_gamma   90.00
#
_symmetry.space_group_name_H-M   'P 21 21 2'
#
loop_
_entity.id
_entity.type
_entity.pdbx_description
1 polymer 'Periplasmic sugar-binding domain protein'
2 non-polymer 'SULFATE ION'
3 non-polymer GLYCEROL
4 water water
#
_entity_poly.entity_id   1
_entity_poly.type   'polypeptide(L)'
_entity_poly.pdbx_seq_one_letter_code
;(MSE)SLTSVVFLNPGNSTETFWVSYSQF(MSE)QAAARDLGLDLRILYAERDPQNTLQQARELFQGRDKPDYL(MSE)L
VNEQYVAPQILRLSQGSGIKLFIVNSPLTLDQRELIGQSRQNYSDWIGS(MSE)VGDDEEAGYR(MSE)LKELLHKLGPV
PAGHGIELLAFSGLKVTPAAQLRERGLRRALAEHPQVHLRQLVYGEWNRERAYRQAQQLLKRYPKTQLVWSANDE(MSE)
ALGA(MSE)QAARELGRKPGTDLLFSGVNSSPEALQALIDGKLSVLEAGHFTLGGWALVALHDDALGLDARRLGGPDWQL
SLFQALTPAQARQLLRLGDQVGTRVDFRGLSAQGKPDSYRYPFGLQLLLREGHHHHHH
;
_entity_poly.pdbx_strand_id   A
#
# COMPACT_ATOMS: atom_id res chain seq x y z
N LEU A 3 24.34 3.62 -16.70
CA LEU A 3 23.11 4.23 -16.13
C LEU A 3 22.99 3.91 -14.64
N THR A 4 22.40 4.82 -13.88
CA THR A 4 22.21 4.60 -12.46
C THR A 4 21.40 3.32 -12.33
N SER A 5 21.86 2.42 -11.47
CA SER A 5 21.18 1.13 -11.30
C SER A 5 20.51 0.96 -9.95
N VAL A 6 19.34 0.34 -9.98
CA VAL A 6 18.55 0.09 -8.78
C VAL A 6 17.99 -1.33 -8.80
N VAL A 7 18.05 -2.00 -7.65
CA VAL A 7 17.48 -3.33 -7.52
C VAL A 7 16.41 -3.19 -6.45
N PHE A 8 15.20 -3.63 -6.76
CA PHE A 8 14.11 -3.56 -5.80
C PHE A 8 13.69 -4.96 -5.41
N LEU A 9 13.65 -5.22 -4.11
CA LEU A 9 13.22 -6.52 -3.59
C LEU A 9 11.73 -6.42 -3.27
N ASN A 10 10.92 -6.90 -4.22
CA ASN A 10 9.47 -6.89 -4.12
C ASN A 10 9.02 -8.07 -3.24
N PRO A 11 8.26 -7.81 -2.17
CA PRO A 11 7.81 -8.90 -1.30
C PRO A 11 6.66 -9.77 -1.78
N GLY A 12 5.93 -9.30 -2.78
CA GLY A 12 4.78 -10.07 -3.24
C GLY A 12 5.03 -11.16 -4.25
N ASN A 13 3.94 -11.73 -4.75
CA ASN A 13 4.02 -12.76 -5.78
C ASN A 13 4.09 -12.03 -7.13
N SER A 14 4.70 -12.67 -8.11
CA SER A 14 4.83 -12.06 -9.43
C SER A 14 3.49 -12.01 -10.17
N THR A 15 2.45 -12.53 -9.54
CA THR A 15 1.10 -12.51 -10.10
C THR A 15 0.16 -11.80 -9.14
N GLU A 16 0.71 -11.21 -8.09
CA GLU A 16 -0.10 -10.51 -7.09
C GLU A 16 -0.44 -9.11 -7.62
N THR A 17 -1.72 -8.87 -7.87
CA THR A 17 -2.16 -7.61 -8.45
C THR A 17 -1.51 -6.33 -7.92
N PHE A 18 -1.57 -6.11 -6.61
CA PHE A 18 -1.00 -4.89 -6.07
C PHE A 18 0.48 -4.75 -6.33
N TRP A 19 1.24 -5.80 -6.01
CA TRP A 19 2.67 -5.75 -6.19
C TRP A 19 3.11 -5.68 -7.64
N VAL A 20 2.30 -6.23 -8.55
CA VAL A 20 2.63 -6.15 -9.96
C VAL A 20 2.39 -4.70 -10.41
N SER A 21 1.31 -4.09 -9.92
CA SER A 21 1.01 -2.71 -10.27
C SER A 21 2.10 -1.77 -9.76
N TYR A 22 2.64 -2.10 -8.58
CA TYR A 22 3.70 -1.31 -7.95
C TYR A 22 4.92 -1.41 -8.88
N SER A 23 5.22 -2.62 -9.32
CA SER A 23 6.35 -2.86 -10.22
C SER A 23 6.19 -2.16 -11.57
N GLN A 24 5.00 -2.26 -12.16
CA GLN A 24 4.76 -1.64 -13.45
C GLN A 24 4.91 -0.14 -13.41
N PHE A 25 4.46 0.48 -12.31
CA PHE A 25 4.58 1.92 -12.18
C PHE A 25 6.06 2.29 -12.10
N GLN A 27 8.60 0.57 -13.32
CA GLN A 27 9.23 0.34 -14.61
C GLN A 27 8.98 1.51 -15.55
N ALA A 28 7.79 2.10 -15.47
CA ALA A 28 7.46 3.25 -16.30
C ALA A 28 8.40 4.38 -15.90
N ALA A 29 8.59 4.54 -14.60
CA ALA A 29 9.47 5.58 -14.08
C ALA A 29 10.92 5.33 -14.48
N ALA A 30 11.35 4.08 -14.41
CA ALA A 30 12.72 3.71 -14.77
C ALA A 30 13.01 4.03 -16.23
N ARG A 31 12.06 3.74 -17.11
CA ARG A 31 12.24 4.00 -18.52
C ARG A 31 12.34 5.51 -18.81
N ASP A 32 11.46 6.28 -18.18
CA ASP A 32 11.44 7.72 -18.37
C ASP A 32 12.65 8.42 -17.75
N LEU A 33 13.14 7.89 -16.64
CA LEU A 33 14.28 8.47 -15.93
C LEU A 33 15.65 7.96 -16.40
N GLY A 34 15.64 6.96 -17.28
CA GLY A 34 16.90 6.42 -17.77
C GLY A 34 17.65 5.65 -16.70
N LEU A 35 16.92 4.93 -15.88
CA LEU A 35 17.51 4.14 -14.81
C LEU A 35 17.50 2.66 -15.17
N ASP A 36 18.50 1.94 -14.68
CA ASP A 36 18.60 0.50 -14.90
C ASP A 36 17.97 -0.15 -13.68
N LEU A 37 16.74 -0.65 -13.85
CA LEU A 37 16.01 -1.26 -12.75
C LEU A 37 15.80 -2.76 -12.88
N ARG A 38 16.01 -3.46 -11.77
CA ARG A 38 15.81 -4.89 -11.71
C ARG A 38 14.91 -5.16 -10.49
N ILE A 39 13.84 -5.90 -10.71
CA ILE A 39 12.91 -6.21 -9.64
C ILE A 39 12.93 -7.71 -9.35
N LEU A 40 13.22 -8.06 -8.10
CA LEU A 40 13.25 -9.46 -7.68
C LEU A 40 12.07 -9.75 -6.76
N TYR A 41 11.22 -10.68 -7.18
CA TYR A 41 10.06 -11.04 -6.37
C TYR A 41 10.38 -12.10 -5.32
N ALA A 42 9.84 -11.92 -4.11
CA ALA A 42 10.08 -12.89 -3.05
C ALA A 42 9.07 -14.03 -3.14
N GLU A 43 8.01 -13.82 -3.92
CA GLU A 43 6.92 -14.78 -4.05
C GLU A 43 6.37 -15.10 -2.66
N ARG A 44 6.20 -14.03 -1.90
CA ARG A 44 5.63 -14.06 -0.56
C ARG A 44 6.33 -14.87 0.53
N ASP A 45 7.65 -15.02 0.42
CA ASP A 45 8.43 -15.70 1.43
C ASP A 45 9.54 -14.71 1.75
N PRO A 46 9.44 -14.00 2.89
CA PRO A 46 10.47 -13.02 3.28
C PRO A 46 11.89 -13.55 3.29
N GLN A 47 12.04 -14.84 3.55
CA GLN A 47 13.38 -15.41 3.56
C GLN A 47 14.04 -15.29 2.19
N ASN A 48 13.23 -15.25 1.13
CA ASN A 48 13.80 -15.11 -0.21
C ASN A 48 14.37 -13.71 -0.39
N THR A 49 13.73 -12.73 0.22
CA THR A 49 14.20 -11.35 0.12
C THR A 49 15.57 -11.25 0.79
N LEU A 50 15.69 -11.89 1.96
CA LEU A 50 16.96 -11.87 2.69
C LEU A 50 18.06 -12.54 1.87
N GLN A 51 17.75 -13.70 1.28
CA GLN A 51 18.73 -14.42 0.49
C GLN A 51 19.13 -13.64 -0.75
N GLN A 52 18.17 -12.96 -1.37
CA GLN A 52 18.45 -12.16 -2.56
C GLN A 52 19.41 -11.03 -2.21
N ALA A 53 19.21 -10.40 -1.06
CA ALA A 53 20.09 -9.32 -0.62
C ALA A 53 21.46 -9.88 -0.25
N ARG A 54 21.46 -10.96 0.54
CA ARG A 54 22.70 -11.58 0.97
C ARG A 54 23.61 -11.89 -0.22
N GLU A 55 23.04 -12.50 -1.25
CA GLU A 55 23.82 -12.86 -2.43
C GLU A 55 24.19 -11.65 -3.28
N LEU A 56 23.40 -10.59 -3.22
CA LEU A 56 23.71 -9.38 -3.98
C LEU A 56 24.96 -8.72 -3.41
N PHE A 57 25.06 -8.70 -2.09
CA PHE A 57 26.21 -8.09 -1.43
C PHE A 57 27.50 -8.88 -1.66
N GLN A 58 27.37 -10.18 -1.84
CA GLN A 58 28.53 -11.04 -2.06
C GLN A 58 28.95 -11.13 -3.52
N GLY A 59 28.08 -10.70 -4.42
CA GLY A 59 28.38 -10.77 -5.84
C GLY A 59 29.05 -9.53 -6.42
N ARG A 60 29.42 -9.62 -7.68
CA ARG A 60 30.05 -8.51 -8.39
C ARG A 60 28.97 -7.71 -9.11
N ASP A 61 29.38 -6.63 -9.75
CA ASP A 61 28.43 -5.77 -10.46
C ASP A 61 27.26 -5.44 -9.57
N LYS A 62 27.54 -4.86 -8.41
CA LYS A 62 26.50 -4.48 -7.47
C LYS A 62 25.76 -3.25 -8.00
N PRO A 63 24.47 -3.12 -7.66
CA PRO A 63 23.71 -1.96 -8.14
C PRO A 63 24.09 -0.73 -7.32
N ASP A 64 23.77 0.46 -7.82
CA ASP A 64 24.07 1.67 -7.08
C ASP A 64 23.18 1.74 -5.85
N TYR A 65 21.92 1.34 -6.04
CA TYR A 65 20.92 1.35 -4.97
C TYR A 65 20.21 0.01 -4.81
N LEU A 66 19.86 -0.30 -3.56
CA LEU A 66 19.12 -1.50 -3.21
C LEU A 66 17.89 -0.97 -2.49
N LEU A 68 14.17 -1.79 -0.68
CA LEU A 68 13.44 -2.87 -0.04
C LEU A 68 12.34 -2.34 0.85
N VAL A 69 11.34 -3.19 1.10
CA VAL A 69 10.22 -2.82 1.96
C VAL A 69 10.63 -3.10 3.40
N ASN A 70 10.23 -2.22 4.31
CA ASN A 70 10.60 -2.42 5.71
C ASN A 70 9.75 -3.48 6.39
N GLU A 71 10.40 -4.23 7.28
CA GLU A 71 9.77 -5.28 8.08
C GLU A 71 10.64 -5.39 9.33
N GLN A 72 10.09 -5.92 10.41
CA GLN A 72 10.83 -6.02 11.67
C GLN A 72 11.83 -7.16 11.81
N TYR A 73 11.85 -8.09 10.86
CA TYR A 73 12.78 -9.21 10.96
C TYR A 73 13.84 -9.31 9.86
N VAL A 74 13.42 -9.14 8.60
CA VAL A 74 14.36 -9.24 7.50
C VAL A 74 15.12 -7.94 7.22
N ALA A 75 14.43 -6.81 7.27
CA ALA A 75 15.07 -5.53 7.01
C ALA A 75 16.31 -5.28 7.87
N PRO A 76 16.21 -5.54 9.20
CA PRO A 76 17.38 -5.32 10.06
C PRO A 76 18.59 -6.15 9.63
N GLN A 77 18.34 -7.41 9.25
CA GLN A 77 19.43 -8.29 8.83
C GLN A 77 20.06 -7.77 7.54
N ILE A 78 19.25 -7.27 6.62
CA ILE A 78 19.78 -6.74 5.37
C ILE A 78 20.61 -5.49 5.63
N LEU A 79 20.19 -4.68 6.60
CA LEU A 79 20.92 -3.47 6.95
C LEU A 79 22.32 -3.83 7.44
N ARG A 80 22.39 -4.84 8.30
CA ARG A 80 23.67 -5.26 8.85
C ARG A 80 24.56 -5.90 7.78
N LEU A 81 23.94 -6.63 6.85
CA LEU A 81 24.70 -7.30 5.79
C LEU A 81 25.22 -6.31 4.75
N SER A 82 24.52 -5.18 4.59
CA SER A 82 24.91 -4.17 3.61
C SER A 82 26.16 -3.39 4.00
N GLN A 83 26.49 -3.41 5.29
CA GLN A 83 27.64 -2.69 5.79
C GLN A 83 28.92 -2.98 5.01
N GLY A 84 29.49 -1.93 4.41
CA GLY A 84 30.71 -2.06 3.65
C GLY A 84 30.53 -2.56 2.22
N SER A 85 29.28 -2.65 1.77
CA SER A 85 28.99 -3.14 0.42
C SER A 85 29.12 -2.04 -0.62
N GLY A 86 29.06 -0.79 -0.19
CA GLY A 86 29.17 0.32 -1.13
C GLY A 86 27.83 0.61 -1.81
N ILE A 87 26.83 -0.20 -1.50
CA ILE A 87 25.50 -0.02 -2.07
C ILE A 87 24.67 0.88 -1.18
N LYS A 88 23.98 1.84 -1.79
CA LYS A 88 23.13 2.77 -1.06
C LYS A 88 21.79 2.07 -0.87
N LEU A 89 21.23 2.16 0.33
CA LEU A 89 19.95 1.53 0.62
C LEU A 89 18.80 2.51 0.71
N PHE A 90 17.62 2.06 0.28
CA PHE A 90 16.43 2.87 0.35
C PHE A 90 15.31 1.98 0.89
N ILE A 91 14.80 2.35 2.05
CA ILE A 91 13.74 1.60 2.73
C ILE A 91 12.38 2.24 2.44
N VAL A 92 11.43 1.46 1.94
CA VAL A 92 10.14 2.02 1.60
C VAL A 92 8.91 1.44 2.28
N ASN A 93 7.81 2.18 2.13
CA ASN A 93 6.48 1.84 2.63
C ASN A 93 6.20 2.04 4.12
N SER A 94 7.17 1.77 4.97
CA SER A 94 6.99 1.97 6.41
C SER A 94 8.26 2.55 7.02
N PRO A 95 8.11 3.33 8.11
CA PRO A 95 9.18 4.01 8.85
C PRO A 95 10.29 3.13 9.42
N LEU A 96 11.49 3.72 9.48
CA LEU A 96 12.64 3.04 10.06
C LEU A 96 12.43 3.15 11.56
N THR A 97 12.76 2.09 12.29
CA THR A 97 12.58 2.09 13.74
C THR A 97 13.78 2.69 14.48
N LEU A 98 13.60 2.97 15.76
CA LEU A 98 14.67 3.53 16.58
C LEU A 98 15.87 2.59 16.55
N ASP A 99 15.59 1.29 16.56
CA ASP A 99 16.64 0.28 16.53
C ASP A 99 17.46 0.37 15.24
N GLN A 100 16.77 0.49 14.11
CA GLN A 100 17.46 0.59 12.83
C GLN A 100 18.29 1.87 12.77
N ARG A 101 17.78 2.91 13.42
CA ARG A 101 18.46 4.21 13.43
C ARG A 101 19.49 4.27 14.56
N TRP A 114 25.00 5.54 2.56
CA TRP A 114 23.79 6.36 2.54
C TRP A 114 22.54 5.49 2.63
N ILE A 115 21.61 5.90 3.47
CA ILE A 115 20.36 5.18 3.65
C ILE A 115 19.20 6.17 3.76
N GLY A 116 18.23 6.04 2.87
CA GLY A 116 17.08 6.94 2.91
C GLY A 116 15.82 6.11 3.00
N SER A 117 14.67 6.76 3.10
CA SER A 117 13.40 6.04 3.18
C SER A 117 12.26 6.87 2.62
N VAL A 119 7.81 6.76 2.88
CA VAL A 119 6.61 6.09 3.36
C VAL A 119 5.34 6.84 3.00
N GLY A 120 4.23 6.10 3.02
CA GLY A 120 2.94 6.69 2.72
C GLY A 120 2.18 6.92 4.02
N ASP A 121 0.85 6.90 3.96
CA ASP A 121 0.05 7.14 5.15
C ASP A 121 -0.96 6.03 5.43
N ASP A 122 -0.42 4.84 5.74
CA ASP A 122 -1.25 3.67 6.03
C ASP A 122 -2.19 3.87 7.21
N GLU A 123 -1.72 4.51 8.28
CA GLU A 123 -2.57 4.73 9.44
C GLU A 123 -3.80 5.55 9.07
N GLU A 124 -3.60 6.61 8.30
CA GLU A 124 -4.72 7.44 7.88
C GLU A 124 -5.72 6.62 7.08
N ALA A 125 -5.22 5.73 6.22
CA ALA A 125 -6.10 4.90 5.41
C ALA A 125 -6.98 4.01 6.27
N GLY A 126 -6.39 3.40 7.31
CA GLY A 126 -7.14 2.53 8.19
C GLY A 126 -8.19 3.30 8.97
N TYR A 127 -7.81 4.49 9.42
CA TYR A 127 -8.71 5.36 10.17
C TYR A 127 -9.86 5.83 9.28
N ARG A 128 -9.51 6.37 8.11
CA ARG A 128 -10.51 6.88 7.19
C ARG A 128 -11.48 5.82 6.71
N LEU A 130 -12.87 3.33 8.35
CA LEU A 130 -13.98 3.17 9.28
C LEU A 130 -14.84 4.42 9.31
N LYS A 131 -14.22 5.60 9.32
CA LYS A 131 -15.00 6.84 9.34
C LYS A 131 -15.91 6.92 8.12
N GLU A 132 -15.39 6.55 6.95
CA GLU A 132 -16.17 6.57 5.71
C GLU A 132 -17.31 5.56 5.76
N LEU A 133 -17.03 4.36 6.25
CA LEU A 133 -18.04 3.33 6.33
C LEU A 133 -19.17 3.80 7.24
N LEU A 134 -18.80 4.39 8.38
CA LEU A 134 -19.80 4.89 9.33
C LEU A 134 -20.62 5.99 8.70
N HIS A 135 -19.97 6.85 7.92
CA HIS A 135 -20.70 7.94 7.27
C HIS A 135 -21.74 7.42 6.29
N LYS A 136 -21.35 6.43 5.48
CA LYS A 136 -22.26 5.87 4.49
C LYS A 136 -23.39 5.04 5.11
N LEU A 137 -23.12 4.37 6.22
CA LEU A 137 -24.15 3.58 6.87
C LEU A 137 -25.27 4.51 7.37
N GLY A 138 -24.87 5.68 7.85
CA GLY A 138 -25.83 6.65 8.34
C GLY A 138 -26.44 6.27 9.68
N PRO A 139 -27.46 7.03 10.13
CA PRO A 139 -28.19 6.82 11.38
C PRO A 139 -28.78 5.43 11.58
N VAL A 140 -29.08 5.15 12.84
CA VAL A 140 -29.64 3.88 13.29
C VAL A 140 -29.51 3.77 14.82
N PRO A 141 -28.60 4.57 15.42
CA PRO A 141 -28.35 4.58 16.87
C PRO A 141 -29.53 4.54 17.84
N ALA A 142 -29.23 4.87 19.09
CA ALA A 142 -30.19 4.89 20.18
C ALA A 142 -30.42 3.49 20.74
N GLY A 143 -29.45 2.97 21.47
CA GLY A 143 -29.58 1.65 22.05
C GLY A 143 -29.09 0.51 21.18
N HIS A 144 -28.95 0.77 19.88
CA HIS A 144 -28.48 -0.24 18.94
C HIS A 144 -27.01 -0.06 18.66
N GLY A 145 -26.27 -1.16 18.66
CA GLY A 145 -24.86 -1.08 18.37
C GLY A 145 -24.69 -1.25 16.88
N ILE A 146 -23.48 -0.99 16.39
CA ILE A 146 -23.17 -1.15 14.97
C ILE A 146 -22.09 -2.22 14.98
N GLU A 147 -22.46 -3.45 14.64
CA GLU A 147 -21.49 -4.54 14.66
C GLU A 147 -20.58 -4.54 13.45
N LEU A 148 -19.30 -4.74 13.73
CA LEU A 148 -18.23 -4.69 12.74
C LEU A 148 -17.32 -5.92 12.75
N LEU A 149 -16.87 -6.31 11.55
CA LEU A 149 -15.93 -7.40 11.40
C LEU A 149 -14.72 -6.75 10.73
N ALA A 150 -13.51 -7.16 11.11
CA ALA A 150 -12.31 -6.59 10.51
C ALA A 150 -11.39 -7.69 10.01
N PHE A 151 -10.88 -7.49 8.80
CA PHE A 151 -9.97 -8.45 8.18
C PHE A 151 -8.66 -7.70 7.96
N SER A 152 -7.62 -8.11 8.69
CA SER A 152 -6.33 -7.45 8.54
C SER A 152 -5.41 -8.31 7.67
N GLY A 153 -4.22 -7.82 7.36
CA GLY A 153 -3.31 -8.57 6.52
C GLY A 153 -2.40 -9.49 7.29
N LEU A 154 -1.12 -9.50 6.95
CA LEU A 154 -0.14 -10.31 7.65
C LEU A 154 0.12 -9.57 8.96
N LYS A 155 -0.21 -10.19 10.08
CA LYS A 155 -0.04 -9.56 11.39
C LYS A 155 1.31 -8.90 11.65
N VAL A 156 2.39 -9.56 11.25
CA VAL A 156 3.73 -9.04 11.51
C VAL A 156 4.19 -7.88 10.62
N THR A 157 3.40 -7.51 9.63
CA THR A 157 3.80 -6.43 8.72
C THR A 157 3.34 -5.04 9.17
N PRO A 158 4.17 -4.03 8.90
CA PRO A 158 3.82 -2.65 9.28
C PRO A 158 2.56 -2.14 8.57
N ALA A 159 2.34 -2.57 7.33
CA ALA A 159 1.14 -2.13 6.62
C ALA A 159 -0.10 -2.56 7.39
N ALA A 160 -0.08 -3.79 7.88
CA ALA A 160 -1.21 -4.30 8.65
C ALA A 160 -1.29 -3.59 10.00
N GLN A 161 -0.16 -3.49 10.68
CA GLN A 161 -0.12 -2.83 11.99
C GLN A 161 -0.59 -1.38 11.94
N LEU A 162 -0.09 -0.62 10.97
CA LEU A 162 -0.46 0.78 10.83
C LEU A 162 -1.92 0.96 10.45
N ARG A 163 -2.43 0.15 9.53
CA ARG A 163 -3.84 0.28 9.17
C ARG A 163 -4.71 -0.08 10.36
N GLU A 164 -4.31 -1.09 11.12
CA GLU A 164 -5.07 -1.49 12.29
C GLU A 164 -5.04 -0.38 13.34
N ARG A 165 -3.90 0.28 13.49
CA ARG A 165 -3.79 1.36 14.45
C ARG A 165 -4.82 2.44 14.12
N GLY A 166 -4.96 2.74 12.81
CA GLY A 166 -5.93 3.73 12.37
C GLY A 166 -7.33 3.27 12.73
N LEU A 167 -7.61 1.99 12.49
CA LEU A 167 -8.91 1.42 12.81
C LEU A 167 -9.19 1.57 14.31
N ARG A 168 -8.21 1.23 15.13
CA ARG A 168 -8.36 1.33 16.58
C ARG A 168 -8.65 2.76 17.01
N ARG A 169 -8.03 3.73 16.36
CA ARG A 169 -8.26 5.13 16.70
C ARG A 169 -9.71 5.50 16.41
N ALA A 170 -10.22 5.04 15.26
CA ALA A 170 -11.60 5.33 14.89
C ALA A 170 -12.58 4.64 15.84
N LEU A 171 -12.26 3.42 16.25
CA LEU A 171 -13.12 2.70 17.18
C LEU A 171 -13.20 3.40 18.53
N ALA A 172 -12.09 4.00 18.95
CA ALA A 172 -12.08 4.68 20.25
C ALA A 172 -12.97 5.91 20.23
N GLU A 173 -13.17 6.48 19.04
CA GLU A 173 -14.00 7.67 18.88
C GLU A 173 -15.47 7.34 18.68
N HIS A 174 -15.75 6.06 18.44
CA HIS A 174 -17.13 5.62 18.19
C HIS A 174 -17.50 4.38 18.99
N PRO A 175 -17.76 4.54 20.28
CA PRO A 175 -18.14 3.42 21.14
C PRO A 175 -19.37 2.64 20.70
N GLN A 176 -20.19 3.23 19.84
CA GLN A 176 -21.39 2.55 19.35
C GLN A 176 -21.00 1.41 18.41
N VAL A 177 -19.82 1.51 17.82
CA VAL A 177 -19.34 0.46 16.92
C VAL A 177 -18.75 -0.66 17.75
N HIS A 178 -19.21 -1.89 17.51
CA HIS A 178 -18.73 -3.03 18.26
C HIS A 178 -17.97 -4.01 17.38
N LEU A 179 -16.65 -4.00 17.49
CA LEU A 179 -15.81 -4.91 16.72
C LEU A 179 -16.02 -6.29 17.31
N ARG A 180 -16.74 -7.14 16.59
CA ARG A 180 -17.00 -8.49 17.09
C ARG A 180 -15.77 -9.39 16.96
N GLN A 181 -15.00 -9.16 15.90
CA GLN A 181 -13.81 -9.95 15.68
C GLN A 181 -12.93 -9.36 14.60
N LEU A 182 -11.62 -9.42 14.82
CA LEU A 182 -10.65 -8.97 13.85
C LEU A 182 -9.81 -10.21 13.58
N VAL A 183 -9.76 -10.62 12.32
CA VAL A 183 -8.97 -11.79 11.95
C VAL A 183 -7.88 -11.39 10.98
N TYR A 184 -6.88 -12.24 10.84
CA TYR A 184 -5.78 -11.97 9.93
C TYR A 184 -5.94 -12.80 8.68
N GLY A 185 -6.36 -12.14 7.60
CA GLY A 185 -6.58 -12.81 6.34
C GLY A 185 -5.32 -12.92 5.49
N GLU A 186 -4.21 -12.38 6.00
CA GLU A 186 -2.92 -12.45 5.31
C GLU A 186 -2.91 -11.91 3.89
N TRP A 187 -3.73 -10.89 3.63
CA TRP A 187 -3.87 -10.27 2.31
C TRP A 187 -4.49 -11.21 1.29
N ASN A 188 -4.89 -12.40 1.73
CA ASN A 188 -5.42 -13.44 0.85
C ASN A 188 -6.94 -13.49 0.70
N ARG A 189 -7.39 -13.44 -0.55
CA ARG A 189 -8.82 -13.47 -0.88
C ARG A 189 -9.56 -14.73 -0.46
N GLU A 190 -9.06 -15.91 -0.83
CA GLU A 190 -9.77 -17.12 -0.45
C GLU A 190 -9.77 -17.36 1.05
N ARG A 191 -8.70 -16.95 1.73
CA ARG A 191 -8.63 -17.12 3.18
C ARG A 191 -9.69 -16.24 3.84
N ALA A 192 -9.76 -14.98 3.41
CA ALA A 192 -10.75 -14.06 3.97
C ALA A 192 -12.14 -14.59 3.65
N TYR A 193 -12.29 -15.15 2.45
CA TYR A 193 -13.56 -15.71 2.02
C TYR A 193 -14.00 -16.80 2.99
N ARG A 194 -13.08 -17.70 3.33
CA ARG A 194 -13.38 -18.79 4.24
C ARG A 194 -13.71 -18.28 5.64
N GLN A 195 -12.94 -17.30 6.10
CA GLN A 195 -13.16 -16.73 7.42
C GLN A 195 -14.51 -16.01 7.46
N ALA A 196 -14.85 -15.31 6.39
CA ALA A 196 -16.11 -14.57 6.31
C ALA A 196 -17.32 -15.49 6.32
N GLN A 197 -17.21 -16.65 5.67
CA GLN A 197 -18.32 -17.59 5.64
C GLN A 197 -18.75 -17.91 7.07
N GLN A 198 -17.76 -18.10 7.93
CA GLN A 198 -18.03 -18.43 9.32
C GLN A 198 -18.47 -17.22 10.14
N LEU A 199 -17.69 -16.15 10.06
CA LEU A 199 -17.96 -14.93 10.81
C LEU A 199 -19.31 -14.26 10.51
N LEU A 200 -19.69 -14.18 9.24
CA LEU A 200 -20.95 -13.55 8.89
C LEU A 200 -22.16 -14.36 9.33
N LYS A 201 -21.95 -15.65 9.54
CA LYS A 201 -23.02 -16.53 10.00
C LYS A 201 -23.13 -16.39 11.51
N ARG A 202 -21.98 -16.33 12.17
CA ARG A 202 -21.90 -16.19 13.61
C ARG A 202 -22.37 -14.83 14.11
N TYR A 203 -22.09 -13.79 13.32
CA TYR A 203 -22.45 -12.41 13.68
C TYR A 203 -23.34 -11.81 12.60
N PRO A 204 -24.60 -12.26 12.51
CA PRO A 204 -25.54 -11.75 11.51
C PRO A 204 -25.90 -10.27 11.63
N LYS A 205 -25.66 -9.68 12.81
CA LYS A 205 -25.98 -8.27 13.00
C LYS A 205 -24.91 -7.38 12.37
N THR A 206 -23.81 -7.99 11.93
CA THR A 206 -22.74 -7.23 11.30
C THR A 206 -23.28 -6.35 10.19
N GLN A 207 -22.92 -5.06 10.22
CA GLN A 207 -23.36 -4.13 9.19
C GLN A 207 -22.15 -3.54 8.48
N LEU A 208 -20.98 -3.65 9.09
CA LEU A 208 -19.77 -3.09 8.51
C LEU A 208 -18.63 -4.10 8.46
N VAL A 209 -17.88 -4.10 7.36
CA VAL A 209 -16.73 -4.99 7.20
C VAL A 209 -15.55 -4.15 6.72
N TRP A 210 -14.58 -3.98 7.61
CA TRP A 210 -13.35 -3.22 7.34
C TRP A 210 -12.32 -4.24 6.90
N SER A 211 -11.67 -3.99 5.76
CA SER A 211 -10.61 -4.89 5.26
C SER A 211 -9.35 -4.11 4.96
N ALA A 212 -8.20 -4.64 5.37
CA ALA A 212 -6.93 -3.97 5.15
C ALA A 212 -6.49 -3.97 3.69
N ASN A 213 -7.17 -4.74 2.84
CA ASN A 213 -6.85 -4.69 1.42
C ASN A 213 -8.08 -5.10 0.62
N ASP A 214 -8.04 -4.88 -0.69
CA ASP A 214 -9.18 -5.17 -1.54
C ASP A 214 -9.43 -6.64 -1.80
N GLU A 215 -8.36 -7.43 -1.90
CA GLU A 215 -8.48 -8.87 -2.13
C GLU A 215 -9.37 -9.49 -1.07
N ALA A 217 -11.48 -7.93 0.95
CA ALA A 217 -12.83 -7.39 0.89
C ALA A 217 -13.66 -8.16 -0.13
N LEU A 218 -13.08 -8.40 -1.32
CA LEU A 218 -13.78 -9.13 -2.37
C LEU A 218 -14.13 -10.55 -1.93
N GLY A 219 -13.25 -11.16 -1.14
CA GLY A 219 -13.51 -12.50 -0.64
C GLY A 219 -14.66 -12.49 0.35
N ALA A 220 -14.64 -11.53 1.28
CA ALA A 220 -15.70 -11.44 2.27
C ALA A 220 -17.03 -11.10 1.61
N GLN A 222 -18.07 -12.08 -1.31
CA GLN A 222 -18.64 -13.27 -1.92
C GLN A 222 -19.34 -14.10 -0.85
N ALA A 223 -18.69 -14.26 0.29
CA ALA A 223 -19.27 -15.01 1.39
C ALA A 223 -20.59 -14.34 1.79
N ALA A 224 -20.60 -13.02 1.79
CA ALA A 224 -21.78 -12.25 2.15
C ALA A 224 -22.95 -12.52 1.18
N ARG A 225 -22.67 -12.49 -0.13
CA ARG A 225 -23.70 -12.73 -1.12
C ARG A 225 -24.32 -14.11 -0.95
N GLU A 226 -23.47 -15.09 -0.63
CA GLU A 226 -23.91 -16.47 -0.44
C GLU A 226 -24.85 -16.64 0.76
N LEU A 227 -24.79 -15.70 1.70
CA LEU A 227 -25.64 -15.76 2.88
C LEU A 227 -26.90 -14.92 2.72
N GLY A 228 -27.02 -14.26 1.58
CA GLY A 228 -28.20 -13.43 1.33
C GLY A 228 -27.99 -11.96 1.60
N ARG A 229 -26.81 -11.58 2.08
CA ARG A 229 -26.53 -10.18 2.37
C ARG A 229 -26.30 -9.44 1.06
N LYS A 230 -26.42 -8.12 1.10
CA LYS A 230 -26.25 -7.30 -0.10
C LYS A 230 -25.16 -6.25 0.06
N PRO A 231 -23.93 -6.57 -0.36
CA PRO A 231 -22.82 -5.62 -0.25
C PRO A 231 -23.18 -4.27 -0.86
N GLY A 232 -22.97 -3.19 -0.09
CA GLY A 232 -23.27 -1.87 -0.59
C GLY A 232 -24.64 -1.36 -0.19
N THR A 233 -25.52 -2.28 0.24
CA THR A 233 -26.86 -1.90 0.64
C THR A 233 -27.10 -2.15 2.14
N ASP A 234 -27.09 -3.41 2.55
CA ASP A 234 -27.30 -3.75 3.95
C ASP A 234 -26.03 -4.15 4.70
N LEU A 235 -24.93 -4.24 3.97
CA LEU A 235 -23.64 -4.61 4.56
C LEU A 235 -22.60 -3.80 3.78
N LEU A 236 -21.87 -2.94 4.48
CA LEU A 236 -20.89 -2.09 3.83
C LEU A 236 -19.45 -2.54 4.03
N PHE A 237 -18.71 -2.56 2.92
CA PHE A 237 -17.31 -3.00 2.89
C PHE A 237 -16.32 -1.92 2.47
N SER A 238 -15.12 -1.97 3.07
CA SER A 238 -14.05 -1.05 2.73
C SER A 238 -12.83 -1.89 2.33
N GLY A 239 -11.95 -1.29 1.53
CA GLY A 239 -10.74 -1.97 1.11
C GLY A 239 -9.64 -1.00 0.73
N VAL A 240 -8.45 -1.55 0.52
CA VAL A 240 -7.26 -0.76 0.12
C VAL A 240 -6.66 -1.41 -1.12
N ASN A 241 -6.19 -0.57 -2.05
CA ASN A 241 -5.55 -0.95 -3.33
C ASN A 241 -6.41 -0.50 -4.50
N SER A 242 -6.15 -1.04 -5.69
CA SER A 242 -6.90 -0.64 -6.88
C SER A 242 -7.01 -1.73 -7.94
N SER A 243 -7.26 -2.96 -7.51
CA SER A 243 -7.39 -4.05 -8.47
C SER A 243 -8.57 -3.75 -9.38
N PRO A 244 -8.54 -4.24 -10.62
CA PRO A 244 -9.63 -4.00 -11.56
C PRO A 244 -11.00 -4.35 -10.98
N GLU A 245 -11.09 -5.51 -10.33
CA GLU A 245 -12.36 -5.94 -9.75
C GLU A 245 -12.83 -5.02 -8.63
N ALA A 246 -11.90 -4.54 -7.81
CA ALA A 246 -12.26 -3.65 -6.71
C ALA A 246 -12.74 -2.31 -7.25
N LEU A 247 -12.07 -1.81 -8.28
CA LEU A 247 -12.47 -0.54 -8.88
C LEU A 247 -13.87 -0.65 -9.45
N GLN A 248 -14.15 -1.77 -10.12
CA GLN A 248 -15.47 -1.97 -10.69
C GLN A 248 -16.52 -2.05 -9.58
N ALA A 249 -16.18 -2.73 -8.49
CA ALA A 249 -17.11 -2.86 -7.37
C ALA A 249 -17.42 -1.51 -6.74
N LEU A 250 -16.41 -0.64 -6.70
CA LEU A 250 -16.62 0.69 -6.13
C LEU A 250 -17.57 1.46 -7.04
N ILE A 251 -17.32 1.38 -8.34
CA ILE A 251 -18.16 2.06 -9.32
C ILE A 251 -19.59 1.55 -9.25
N ASP A 252 -19.75 0.24 -9.06
CA ASP A 252 -21.08 -0.38 -8.96
C ASP A 252 -21.76 -0.13 -7.62
N GLY A 253 -21.01 0.41 -6.66
CA GLY A 253 -21.57 0.67 -5.35
C GLY A 253 -21.61 -0.52 -4.42
N LYS A 254 -21.07 -1.65 -4.87
CA LYS A 254 -21.04 -2.86 -4.06
C LYS A 254 -19.96 -2.77 -3.00
N LEU A 255 -18.86 -2.12 -3.35
CA LEU A 255 -17.76 -1.87 -2.43
C LEU A 255 -17.98 -0.41 -2.07
N SER A 256 -18.06 -0.10 -0.78
CA SER A 256 -18.37 1.26 -0.34
C SER A 256 -17.21 2.24 -0.22
N VAL A 257 -16.05 1.75 0.17
CA VAL A 257 -14.88 2.59 0.32
C VAL A 257 -13.65 1.88 -0.22
N LEU A 258 -12.85 2.59 -1.01
CA LEU A 258 -11.63 2.01 -1.56
C LEU A 258 -10.52 3.03 -1.48
N GLU A 259 -9.58 2.81 -0.56
CA GLU A 259 -8.44 3.69 -0.37
C GLU A 259 -7.37 3.26 -1.35
N ALA A 260 -6.89 4.19 -2.18
CA ALA A 260 -5.88 3.85 -3.16
C ALA A 260 -4.87 4.96 -3.34
N GLY A 261 -3.73 4.60 -3.96
CA GLY A 261 -2.69 5.59 -4.21
C GLY A 261 -1.28 5.15 -3.85
N HIS A 262 -1.15 4.26 -2.89
CA HIS A 262 0.20 3.84 -2.48
C HIS A 262 0.95 2.98 -3.48
N PHE A 263 0.26 2.49 -4.52
CA PHE A 263 0.95 1.67 -5.52
C PHE A 263 1.92 2.54 -6.31
N THR A 264 1.82 3.84 -6.16
CA THR A 264 2.70 4.77 -6.88
C THR A 264 4.00 5.05 -6.14
N LEU A 265 4.10 4.64 -4.88
CA LEU A 265 5.29 4.95 -4.08
C LEU A 265 6.62 4.57 -4.72
N GLY A 266 6.68 3.39 -5.32
CA GLY A 266 7.92 2.95 -5.95
C GLY A 266 8.40 3.90 -7.03
N GLY A 267 7.46 4.44 -7.81
CA GLY A 267 7.82 5.37 -8.88
C GLY A 267 8.41 6.64 -8.33
N TRP A 268 7.79 7.17 -7.29
CA TRP A 268 8.26 8.40 -6.66
C TRP A 268 9.64 8.14 -6.07
N ALA A 269 9.83 6.94 -5.53
CA ALA A 269 11.11 6.56 -4.94
C ALA A 269 12.21 6.63 -5.98
N LEU A 270 11.91 6.20 -7.20
CA LEU A 270 12.92 6.22 -8.26
C LEU A 270 13.26 7.66 -8.67
N VAL A 271 12.28 8.56 -8.58
CA VAL A 271 12.54 9.96 -8.91
C VAL A 271 13.53 10.47 -7.88
N ALA A 272 13.29 10.14 -6.61
CA ALA A 272 14.17 10.58 -5.53
C ALA A 272 15.57 10.00 -5.67
N LEU A 273 15.66 8.71 -6.01
CA LEU A 273 16.97 8.07 -6.16
C LEU A 273 17.68 8.63 -7.38
N HIS A 274 16.93 8.88 -8.44
CA HIS A 274 17.49 9.45 -9.66
C HIS A 274 18.16 10.78 -9.30
N ASP A 275 17.48 11.58 -8.49
CA ASP A 275 18.02 12.88 -8.08
C ASP A 275 19.19 12.72 -7.11
N ASP A 276 19.13 11.73 -6.23
CA ASP A 276 20.22 11.52 -5.30
C ASP A 276 21.51 11.24 -6.05
N ALA A 277 21.42 10.44 -7.11
CA ALA A 277 22.58 10.08 -7.90
C ALA A 277 23.16 11.31 -8.59
N LEU A 278 22.32 12.30 -8.83
CA LEU A 278 22.76 13.53 -9.47
C LEU A 278 23.29 14.54 -8.46
N GLY A 279 23.23 14.18 -7.18
CA GLY A 279 23.71 15.07 -6.14
C GLY A 279 22.64 16.06 -5.69
N LEU A 280 21.44 15.92 -6.24
CA LEU A 280 20.32 16.79 -5.90
C LEU A 280 19.60 16.19 -4.69
N ASP A 281 20.26 16.21 -3.54
CA ASP A 281 19.69 15.64 -2.33
C ASP A 281 19.54 16.69 -1.23
N ALA A 282 19.89 16.28 -0.01
CA ALA A 282 19.84 17.14 1.16
C ALA A 282 18.42 17.46 1.60
N ARG A 283 18.28 18.59 2.29
CA ARG A 283 17.00 19.04 2.81
C ARG A 283 16.13 19.60 1.69
N ARG A 284 15.32 20.60 2.02
CA ARG A 284 14.40 21.26 1.09
C ARG A 284 13.54 20.31 0.25
N LEU A 285 14.16 19.40 -0.49
CA LEU A 285 13.40 18.47 -1.31
C LEU A 285 12.68 17.42 -0.46
N GLY A 286 12.92 17.43 0.84
CA GLY A 286 12.25 16.51 1.73
C GLY A 286 12.96 15.24 2.19
N GLY A 287 14.16 14.99 1.66
CA GLY A 287 14.89 13.79 2.05
C GLY A 287 15.67 13.90 3.36
N PRO A 288 16.36 12.83 3.77
CA PRO A 288 16.42 11.54 3.06
C PRO A 288 15.26 10.61 3.44
N ASP A 289 14.43 11.04 4.38
CA ASP A 289 13.29 10.24 4.83
C ASP A 289 11.98 10.94 4.50
N TRP A 290 11.46 10.65 3.31
CA TRP A 290 10.23 11.25 2.83
C TRP A 290 8.99 10.66 3.48
N GLN A 291 8.05 11.54 3.84
CA GLN A 291 6.78 11.14 4.44
C GLN A 291 5.71 11.70 3.50
N LEU A 292 5.00 10.80 2.83
CA LEU A 292 4.00 11.22 1.86
C LEU A 292 2.57 10.83 2.24
N SER A 293 1.62 11.61 1.74
CA SER A 293 0.21 11.34 1.93
C SER A 293 -0.24 10.93 0.55
N LEU A 294 -0.38 9.63 0.32
CA LEU A 294 -0.76 9.13 -1.00
C LEU A 294 -2.17 8.57 -1.07
N PHE A 295 -2.69 8.07 0.04
CA PHE A 295 -4.02 7.48 0.04
C PHE A 295 -5.16 8.46 -0.14
N GLN A 296 -6.14 8.03 -0.93
CA GLN A 296 -7.35 8.80 -1.19
C GLN A 296 -8.51 7.82 -1.28
N ALA A 297 -9.64 8.21 -0.72
CA ALA A 297 -10.84 7.37 -0.80
C ALA A 297 -11.40 7.69 -2.18
N LEU A 298 -11.15 6.80 -3.13
CA LEU A 298 -11.57 6.99 -4.52
C LEU A 298 -13.03 7.29 -4.76
N THR A 299 -13.28 8.18 -5.71
CA THR A 299 -14.65 8.50 -6.12
C THR A 299 -14.88 7.57 -7.30
N PRO A 300 -16.16 7.35 -7.67
CA PRO A 300 -16.41 6.47 -8.81
C PRO A 300 -15.73 6.98 -10.08
N ALA A 301 -15.70 8.30 -10.25
CA ALA A 301 -15.06 8.91 -11.41
C ALA A 301 -13.58 8.58 -11.48
N GLN A 302 -12.90 8.69 -10.34
CA GLN A 302 -11.47 8.40 -10.28
C GLN A 302 -11.23 6.91 -10.52
N ALA A 303 -12.10 6.07 -9.96
CA ALA A 303 -11.98 4.63 -10.10
C ALA A 303 -12.12 4.23 -11.57
N ARG A 304 -13.00 4.93 -12.29
CA ARG A 304 -13.23 4.66 -13.70
C ARG A 304 -11.95 4.92 -14.49
N GLN A 305 -11.27 6.01 -14.17
CA GLN A 305 -10.02 6.38 -14.84
C GLN A 305 -8.95 5.32 -14.61
N LEU A 306 -8.78 4.92 -13.35
CA LEU A 306 -7.78 3.91 -13.01
C LEU A 306 -8.12 2.55 -13.60
N LEU A 307 -9.41 2.24 -13.71
CA LEU A 307 -9.84 0.96 -14.25
C LEU A 307 -9.50 0.88 -15.73
N ARG A 308 -9.83 1.93 -16.47
CA ARG A 308 -9.56 1.98 -17.90
C ARG A 308 -8.07 1.85 -18.21
N LEU A 309 -7.23 2.56 -17.46
CA LEU A 309 -5.80 2.55 -17.69
C LEU A 309 -5.05 1.32 -17.16
N GLY A 310 -5.47 0.81 -16.02
CA GLY A 310 -4.79 -0.35 -15.46
C GLY A 310 -3.31 -0.07 -15.25
N ASP A 311 -2.47 -1.06 -15.50
CA ASP A 311 -1.04 -0.90 -15.31
C ASP A 311 -0.34 -0.08 -16.40
N GLN A 312 -1.14 0.57 -17.24
CA GLN A 312 -0.58 1.43 -18.28
C GLN A 312 -0.63 2.86 -17.75
N VAL A 313 -1.20 3.03 -16.56
CA VAL A 313 -1.32 4.37 -15.98
C VAL A 313 0.01 5.11 -15.82
N GLY A 314 1.08 4.39 -15.53
CA GLY A 314 2.37 5.03 -15.37
C GLY A 314 2.88 5.73 -16.61
N THR A 315 2.44 5.27 -17.78
CA THR A 315 2.87 5.86 -19.05
C THR A 315 2.40 7.29 -19.22
N ARG A 316 1.40 7.71 -18.46
CA ARG A 316 0.87 9.07 -18.55
C ARG A 316 1.53 10.02 -17.56
N VAL A 317 2.54 9.53 -16.84
CA VAL A 317 3.23 10.35 -15.86
C VAL A 317 4.58 10.83 -16.39
N ASP A 318 4.84 12.13 -16.26
CA ASP A 318 6.09 12.69 -16.71
C ASP A 318 7.07 12.70 -15.54
N PHE A 319 7.70 11.55 -15.33
CA PHE A 319 8.65 11.38 -14.24
C PHE A 319 9.87 12.31 -14.35
N ARG A 320 10.47 12.36 -15.53
CA ARG A 320 11.64 13.22 -15.70
C ARG A 320 11.26 14.65 -15.32
N GLY A 321 10.00 15.01 -15.57
CA GLY A 321 9.53 16.33 -15.22
C GLY A 321 9.42 16.56 -13.72
N LEU A 322 9.37 15.48 -12.96
CA LEU A 322 9.28 15.58 -11.51
C LEU A 322 10.65 15.77 -10.89
N SER A 323 11.69 15.47 -11.65
CA SER A 323 13.07 15.61 -11.16
C SER A 323 13.33 17.07 -10.78
N ALA A 324 14.12 17.25 -9.73
CA ALA A 324 14.44 18.60 -9.27
C ALA A 324 15.55 19.20 -10.13
N GLN A 325 16.04 18.42 -11.10
CA GLN A 325 17.10 18.86 -11.99
C GLN A 325 16.67 20.09 -12.80
N GLY A 326 17.45 21.16 -12.69
CA GLY A 326 17.15 22.38 -13.42
C GLY A 326 15.91 23.08 -12.90
N LYS A 327 15.47 22.68 -11.71
CA LYS A 327 14.28 23.25 -11.10
C LYS A 327 14.61 24.44 -10.21
N PRO A 328 13.74 25.48 -10.25
CA PRO A 328 13.99 26.65 -9.41
C PRO A 328 13.79 26.18 -7.98
N ASP A 329 14.13 27.00 -6.99
CA ASP A 329 13.95 26.55 -5.62
C ASP A 329 12.50 26.80 -5.19
N SER A 330 12.11 26.12 -4.11
CA SER A 330 10.78 26.16 -3.54
C SER A 330 10.03 25.05 -4.26
N TYR A 331 10.77 24.31 -5.07
CA TYR A 331 10.20 23.18 -5.79
C TYR A 331 10.19 22.02 -4.83
N ARG A 332 9.01 21.47 -4.59
CA ARG A 332 8.87 20.33 -3.71
C ARG A 332 8.20 19.30 -4.61
N TYR A 333 8.56 18.03 -4.44
CA TYR A 333 7.97 17.00 -5.27
C TYR A 333 6.46 16.96 -5.07
N PRO A 334 5.70 17.03 -6.18
CA PRO A 334 4.23 17.01 -6.09
C PRO A 334 3.68 15.59 -6.18
N PHE A 335 4.41 14.64 -5.60
CA PHE A 335 4.00 13.23 -5.62
C PHE A 335 2.58 13.02 -5.13
N GLY A 336 1.76 12.36 -5.95
CA GLY A 336 0.38 12.11 -5.58
C GLY A 336 -0.41 11.45 -6.68
N LEU A 337 -1.58 10.94 -6.34
CA LEU A 337 -2.43 10.27 -7.31
C LEU A 337 -2.92 11.25 -8.37
N GLN A 338 -2.99 12.54 -8.01
CA GLN A 338 -3.47 13.53 -8.96
C GLN A 338 -2.59 13.61 -10.22
N LEU A 339 -1.32 13.28 -10.08
CA LEU A 339 -0.41 13.30 -11.23
C LEU A 339 -0.83 12.26 -12.27
N LEU A 340 -1.59 11.26 -11.82
CA LEU A 340 -2.06 10.20 -12.71
C LEU A 340 -3.45 10.47 -13.26
N LEU A 341 -4.22 11.29 -12.58
CA LEU A 341 -5.59 11.56 -12.98
C LEU A 341 -5.83 12.87 -13.73
N ARG A 342 -4.80 13.70 -13.87
CA ARG A 342 -4.92 14.98 -14.56
C ARG A 342 -5.53 14.82 -15.95
#